data_5DFK
#
_entry.id   5DFK
#
_cell.length_a   62.650
_cell.length_b   62.650
_cell.length_c   121.140
_cell.angle_alpha   90.00
_cell.angle_beta   90.00
_cell.angle_gamma   120.00
#
_symmetry.space_group_name_H-M   'P 31 2 1'
#
loop_
_entity.id
_entity.type
_entity.pdbx_description
1 polymer 'Probable fimbrial chaperone EcpB'
2 water water
#
_entity_poly.entity_id   1
_entity_poly.type   'polypeptide(L)'
_entity_poly.pdbx_seq_one_letter_code
;MAHHHHHHVDDDDKMLDVGDISSFMNSDSSTLSKTIQNSTDSGRLINIRLERLSSPLDDGQVIAMDKPDELLLTPASLLL
PAQASEVIRFFYKGPADEKERYYRIVWFDQALSDAQRDNANRSAVATASARIGTILVVAPRQANYHFQYANGSLTNTGNA
TLRILAYGPCLKAANGKECKENYYLMPGKSRRFTRVDTADNKGRVALWQGDKFIPVK
;
_entity_poly.pdbx_strand_id   A
#
# COMPACT_ATOMS: atom_id res chain seq x y z
N MET A 15 -19.66 5.07 2.84
CA MET A 15 -18.36 5.78 3.04
C MET A 15 -17.92 6.48 1.73
N LEU A 16 -16.73 7.07 1.76
CA LEU A 16 -16.14 7.70 0.58
C LEU A 16 -15.11 6.76 -0.07
N ASP A 17 -15.07 6.74 -1.40
CA ASP A 17 -14.10 5.91 -2.12
C ASP A 17 -12.79 6.67 -2.32
N VAL A 18 -11.76 6.22 -1.61
CA VAL A 18 -10.43 6.82 -1.65
C VAL A 18 -9.50 6.11 -2.65
N GLY A 19 -9.93 4.99 -3.22
CA GLY A 19 -9.05 4.16 -4.05
C GLY A 19 -8.27 3.23 -3.15
N ASP A 20 -7.03 2.93 -3.53
CA ASP A 20 -6.22 1.93 -2.82
C ASP A 20 -6.03 2.30 -1.35
N ILE A 21 -6.19 1.32 -0.45
CA ILE A 21 -5.99 1.55 0.99
C ILE A 21 -4.50 1.73 1.37
N SER A 22 -3.60 1.15 0.58
CA SER A 22 -2.19 1.53 0.66
C SER A 22 -1.67 1.76 -0.74
N SER A 23 -1.03 2.91 -0.93
CA SER A 23 -0.52 3.33 -2.23
C SER A 23 0.99 3.26 -2.14
N PHE A 24 1.63 3.00 -3.28
CA PHE A 24 3.07 2.80 -3.33
C PHE A 24 3.73 3.75 -4.32
N MET A 25 4.58 4.62 -3.77
CA MET A 25 5.47 5.46 -4.56
C MET A 25 6.77 4.68 -4.68
N ASN A 26 7.00 4.15 -5.87
CA ASN A 26 8.14 3.29 -6.13
C ASN A 26 9.39 4.11 -6.39
N SER A 27 10.55 3.45 -6.37
CA SER A 27 11.81 4.16 -6.22
C SER A 27 12.16 5.09 -7.36
N ASP A 28 11.59 4.89 -8.55
CA ASP A 28 11.86 5.76 -9.70
C ASP A 28 10.89 6.91 -9.78
N SER A 29 10.11 7.11 -8.73
CA SER A 29 9.04 8.08 -8.76
C SER A 29 8.99 8.89 -7.45
N SER A 30 8.70 10.19 -7.56
CA SER A 30 8.55 11.07 -6.38
C SER A 30 7.16 11.69 -6.30
N THR A 31 6.25 11.23 -7.14
CA THR A 31 4.92 11.83 -7.24
C THR A 31 3.92 10.73 -7.45
N LEU A 32 2.68 10.96 -7.02
CA LEU A 32 1.62 9.98 -7.18
C LEU A 32 0.24 10.65 -7.17
N SER A 33 -0.72 10.08 -7.91
CA SER A 33 -2.09 10.57 -7.91
C SER A 33 -3.05 9.52 -7.38
N LYS A 34 -4.03 9.96 -6.59
CA LYS A 34 -5.16 9.13 -6.22
C LYS A 34 -6.43 9.81 -6.69
N THR A 35 -7.30 9.05 -7.36
CA THR A 35 -8.63 9.53 -7.69
C THR A 35 -9.57 9.21 -6.52
N ILE A 36 -10.35 10.20 -6.08
CA ILE A 36 -11.44 9.94 -5.13
C ILE A 36 -12.79 10.20 -5.77
N GLN A 37 -13.71 9.26 -5.57
CA GLN A 37 -15.05 9.32 -6.16
C GLN A 37 -16.06 9.51 -5.04
N ASN A 38 -16.95 10.49 -5.23
CA ASN A 38 -18.12 10.65 -4.38
C ASN A 38 -19.33 10.07 -5.10
N SER A 39 -19.73 8.87 -4.69
CA SER A 39 -20.84 8.19 -5.35
C SER A 39 -22.24 8.34 -4.75
N THR A 40 -22.45 9.42 -3.98
CA THR A 40 -23.78 9.74 -3.44
C THR A 40 -24.46 10.98 -4.00
N ASP A 41 -25.70 11.19 -3.54
CA ASP A 41 -26.54 12.32 -3.96
C ASP A 41 -26.03 13.65 -3.40
N SER A 42 -25.31 13.60 -2.27
CA SER A 42 -24.78 14.80 -1.62
C SER A 42 -23.37 15.10 -2.13
N GLY A 43 -23.06 16.39 -2.21
CA GLY A 43 -21.67 16.84 -2.31
C GLY A 43 -21.03 16.70 -0.94
N ARG A 44 -19.70 16.80 -0.89
CA ARG A 44 -18.94 16.56 0.35
C ARG A 44 -17.82 17.58 0.58
N LEU A 45 -17.60 17.95 1.86
CA LEU A 45 -16.46 18.81 2.27
C LEU A 45 -15.29 17.98 2.79
N ILE A 46 -14.27 17.84 1.93
CA ILE A 46 -13.11 16.99 2.21
C ILE A 46 -11.90 17.80 2.65
N ASN A 47 -11.32 17.44 3.79
CA ASN A 47 -9.98 17.90 4.17
C ASN A 47 -9.04 16.70 4.24
N ILE A 48 -7.78 16.90 3.87
CA ILE A 48 -6.80 15.81 3.79
C ILE A 48 -5.50 16.22 4.49
N ARG A 49 -4.95 15.32 5.30
CA ARG A 49 -3.78 15.61 6.12
C ARG A 49 -2.78 14.45 6.09
N LEU A 50 -1.52 14.74 6.36
CA LEU A 50 -0.47 13.73 6.32
C LEU A 50 0.27 13.61 7.63
N GLU A 51 0.64 12.37 8.00
CA GLU A 51 1.48 12.07 9.17
C GLU A 51 2.48 10.99 8.81
N ARG A 52 3.74 11.19 9.11
CA ARG A 52 4.64 10.07 8.92
C ARG A 52 4.40 9.07 10.06
N LEU A 53 4.78 7.86 9.75
CA LEU A 53 4.63 6.74 10.68
C LEU A 53 5.95 5.98 10.83
N SER A 54 6.22 5.51 12.05
CA SER A 54 7.34 4.57 12.27
C SER A 54 7.23 3.34 11.39
N SER A 55 6.01 2.84 11.21
CA SER A 55 5.78 1.72 10.31
C SER A 55 4.32 1.73 9.90
N PRO A 56 3.96 0.97 8.86
CA PRO A 56 2.56 0.87 8.47
C PRO A 56 1.70 -0.08 9.34
N LEU A 57 2.31 -0.78 10.30
CA LEU A 57 1.62 -1.84 11.05
C LEU A 57 0.88 -1.27 12.24
N ASP A 58 0.08 -2.11 12.90
CA ASP A 58 -0.78 -1.65 13.98
C ASP A 58 -0.03 -1.14 15.20
N ASP A 59 1.17 -1.67 15.43
CA ASP A 59 2.01 -1.24 16.55
C ASP A 59 2.98 -0.12 16.14
N GLY A 60 2.66 0.59 15.06
CA GLY A 60 3.48 1.70 14.59
C GLY A 60 2.96 2.97 15.22
N GLN A 61 3.72 4.04 15.06
CA GLN A 61 3.37 5.30 15.69
C GLN A 61 3.78 6.47 14.80
N VAL A 62 3.05 7.58 14.95
CA VAL A 62 3.33 8.80 14.22
C VAL A 62 4.69 9.32 14.68
N ILE A 63 5.54 9.67 13.73
CA ILE A 63 6.83 10.30 14.02
C ILE A 63 6.90 11.58 13.19
N ALA A 64 7.94 12.38 13.41
CA ALA A 64 8.09 13.66 12.71
C ALA A 64 8.64 13.48 11.30
N MET A 65 8.14 14.27 10.38
CA MET A 65 8.85 14.49 9.12
C MET A 65 10.16 15.24 9.42
N ASP A 66 11.23 14.94 8.68
CA ASP A 66 12.48 15.70 8.83
C ASP A 66 12.31 17.17 8.47
N LYS A 67 11.48 17.44 7.47
CA LYS A 67 11.13 18.80 7.07
C LYS A 67 9.68 18.81 6.63
N PRO A 68 8.99 19.95 6.79
CA PRO A 68 7.55 20.00 6.47
C PRO A 68 7.19 19.93 4.97
N ASP A 69 8.18 19.97 4.08
CA ASP A 69 7.96 19.67 2.67
C ASP A 69 8.31 18.23 2.29
N GLU A 70 8.55 17.36 3.26
CA GLU A 70 8.94 15.98 2.96
C GLU A 70 7.84 15.31 2.12
N LEU A 71 6.59 15.54 2.51
CA LEU A 71 5.47 14.96 1.84
C LEU A 71 4.33 15.98 1.86
N LEU A 72 3.93 16.39 0.66
CA LEU A 72 2.92 17.40 0.46
C LEU A 72 1.86 16.88 -0.52
N LEU A 73 0.62 17.31 -0.34
CA LEU A 73 -0.44 16.96 -1.28
C LEU A 73 -1.28 18.17 -1.71
N THR A 74 -1.93 18.03 -2.87
CA THR A 74 -2.92 19.00 -3.32
C THR A 74 -4.06 18.27 -4.03
N PRO A 75 -5.29 18.73 -3.85
CA PRO A 75 -5.62 19.81 -2.91
C PRO A 75 -5.85 19.25 -1.52
N ALA A 76 -5.52 20.02 -0.49
CA ALA A 76 -5.73 19.61 0.89
C ALA A 76 -7.17 19.83 1.35
N SER A 77 -7.90 20.73 0.68
CA SER A 77 -9.32 20.99 0.90
C SER A 77 -10.02 21.01 -0.43
N LEU A 78 -11.23 20.47 -0.48
CA LEU A 78 -12.03 20.58 -1.66
C LEU A 78 -13.50 20.31 -1.34
N LEU A 79 -14.35 20.86 -2.18
CA LEU A 79 -15.77 20.57 -2.16
C LEU A 79 -15.95 19.58 -3.29
N LEU A 80 -16.33 18.35 -2.96
CA LEU A 80 -16.54 17.32 -3.97
C LEU A 80 -18.05 17.18 -4.18
N PRO A 81 -18.57 17.64 -5.34
CA PRO A 81 -20.01 17.48 -5.58
C PRO A 81 -20.47 16.05 -5.77
N ALA A 82 -21.79 15.88 -5.85
CA ALA A 82 -22.43 14.57 -5.93
C ALA A 82 -22.08 13.82 -7.23
N GLN A 83 -21.86 12.50 -7.12
CA GLN A 83 -21.56 11.66 -8.29
C GLN A 83 -20.42 12.24 -9.13
N ALA A 84 -19.32 12.58 -8.48
CA ALA A 84 -18.19 13.22 -9.15
C ALA A 84 -16.88 12.82 -8.49
N SER A 85 -15.80 13.00 -9.24
CA SER A 85 -14.47 12.53 -8.86
C SER A 85 -13.44 13.64 -8.94
N GLU A 86 -12.36 13.51 -8.17
CA GLU A 86 -11.25 14.45 -8.23
C GLU A 86 -9.93 13.75 -7.95
N VAL A 87 -8.88 14.26 -8.58
CA VAL A 87 -7.53 13.75 -8.43
C VAL A 87 -6.80 14.51 -7.32
N ILE A 88 -6.23 13.77 -6.38
CA ILE A 88 -5.35 14.32 -5.35
C ILE A 88 -3.95 13.89 -5.69
N ARG A 89 -3.01 14.82 -5.67
CA ARG A 89 -1.62 14.55 -6.00
C ARG A 89 -0.71 14.64 -4.78
N PHE A 90 0.33 13.80 -4.76
CA PHE A 90 1.22 13.62 -3.61
C PHE A 90 2.66 13.78 -4.11
N PHE A 91 3.47 14.46 -3.31
CA PHE A 91 4.83 14.79 -3.71
C PHE A 91 5.78 14.50 -2.57
N TYR A 92 6.85 13.77 -2.88
CA TYR A 92 7.89 13.47 -1.91
C TYR A 92 9.12 14.31 -2.16
N LYS A 93 9.65 14.94 -1.11
CA LYS A 93 10.89 15.73 -1.23
C LYS A 93 11.85 15.45 -0.06
N GLY A 94 11.78 14.25 0.52
CA GLY A 94 12.69 13.89 1.59
C GLY A 94 13.94 13.27 0.99
N PRO A 95 14.78 12.66 1.84
CA PRO A 95 16.06 12.14 1.36
C PRO A 95 15.91 11.05 0.30
N ALA A 96 16.90 10.97 -0.57
CA ALA A 96 16.98 9.93 -1.57
C ALA A 96 18.02 8.94 -1.08
N ASP A 97 17.59 7.96 -0.28
CA ASP A 97 18.50 7.07 0.45
C ASP A 97 17.99 5.63 0.41
N GLU A 98 18.49 4.79 1.33
CA GLU A 98 18.19 3.35 1.38
C GLU A 98 17.02 2.99 2.31
N LYS A 99 16.42 4.01 2.92
CA LYS A 99 15.33 3.87 3.88
C LYS A 99 13.97 4.01 3.22
N GLU A 100 13.05 3.13 3.59
CA GLU A 100 11.68 3.20 3.16
C GLU A 100 10.92 4.06 4.14
N ARG A 101 9.98 4.86 3.64
CA ARG A 101 9.19 5.72 4.52
C ARG A 101 7.71 5.46 4.36
N TYR A 102 6.99 5.69 5.45
CA TYR A 102 5.59 5.34 5.63
C TYR A 102 4.82 6.58 6.06
N TYR A 103 3.67 6.83 5.45
CA TYR A 103 2.85 7.98 5.82
C TYR A 103 1.41 7.55 5.92
N ARG A 104 0.67 8.22 6.79
CA ARG A 104 -0.77 8.09 6.82
C ARG A 104 -1.41 9.30 6.18
N ILE A 105 -2.34 9.03 5.27
CA ILE A 105 -3.18 10.03 4.66
C ILE A 105 -4.47 9.99 5.48
N VAL A 106 -4.80 11.11 6.10
CA VAL A 106 -6.02 11.25 6.89
C VAL A 106 -7.06 12.04 6.12
N TRP A 107 -8.17 11.39 5.80
CA TRP A 107 -9.23 12.02 5.03
C TRP A 107 -10.41 12.37 5.94
N PHE A 108 -10.75 13.65 6.03
CA PHE A 108 -11.97 14.08 6.73
C PHE A 108 -13.10 14.28 5.71
N ASP A 109 -14.25 13.67 5.97
CA ASP A 109 -15.39 13.67 5.04
C ASP A 109 -16.62 14.21 5.76
N GLN A 110 -17.27 15.22 5.15
CA GLN A 110 -18.55 15.78 5.63
C GLN A 110 -19.59 15.79 4.52
N ALA A 111 -20.72 15.10 4.73
CA ALA A 111 -21.72 14.87 3.68
C ALA A 111 -22.20 16.14 2.97
N ALA A 130 -17.05 11.60 8.86
CA ALA A 130 -16.22 10.42 8.72
C ALA A 130 -14.72 10.78 8.58
N ARG A 131 -13.87 10.18 9.42
CA ARG A 131 -12.41 10.34 9.35
C ARG A 131 -11.76 8.99 9.01
N ILE A 132 -11.28 8.86 7.77
CA ILE A 132 -10.69 7.63 7.24
C ILE A 132 -9.17 7.80 7.14
N GLY A 133 -8.43 6.73 7.46
CA GLY A 133 -6.96 6.72 7.38
C GLY A 133 -6.45 5.70 6.37
N THR A 134 -5.62 6.14 5.43
CA THR A 134 -5.04 5.25 4.42
C THR A 134 -3.51 5.35 4.53
N ILE A 135 -2.80 4.55 3.73
CA ILE A 135 -1.34 4.40 3.84
C ILE A 135 -0.63 4.78 2.55
N LEU A 136 0.43 5.57 2.69
CA LEU A 136 1.35 5.83 1.58
C LEU A 136 2.75 5.33 1.94
N VAL A 137 3.33 4.55 1.03
CA VAL A 137 4.67 3.99 1.19
C VAL A 137 5.60 4.64 0.17
N VAL A 138 6.68 5.26 0.65
CA VAL A 138 7.72 5.80 -0.20
C VAL A 138 8.88 4.83 -0.22
N ALA A 139 9.01 4.08 -1.31
CA ALA A 139 10.04 3.04 -1.42
C ALA A 139 11.42 3.68 -1.50
N PRO A 140 12.46 3.04 -0.98
CA PRO A 140 13.75 3.72 -0.92
C PRO A 140 14.22 4.12 -2.32
N ARG A 141 14.70 5.34 -2.47
CA ARG A 141 15.19 5.80 -3.76
C ARG A 141 16.32 4.90 -4.20
N GLN A 142 17.18 4.52 -3.26
CA GLN A 142 18.20 3.51 -3.48
C GLN A 142 17.67 2.11 -3.15
N ALA A 143 16.80 1.59 -4.01
CA ALA A 143 16.15 0.31 -3.77
C ALA A 143 17.06 -0.90 -3.96
N ASN A 144 16.93 -1.87 -3.06
CA ASN A 144 17.60 -3.14 -3.20
C ASN A 144 16.54 -4.21 -2.97
N TYR A 145 15.91 -4.64 -4.05
CA TYR A 145 14.85 -5.61 -3.97
C TYR A 145 15.47 -7.00 -3.98
N HIS A 146 15.14 -7.80 -2.96
CA HIS A 146 15.57 -9.19 -2.86
C HIS A 146 14.55 -10.00 -2.07
N PHE A 147 14.53 -11.31 -2.31
CA PHE A 147 13.61 -12.19 -1.59
C PHE A 147 14.07 -13.63 -1.58
N GLN A 148 13.50 -14.40 -0.67
CA GLN A 148 13.73 -15.83 -0.62
C GLN A 148 12.40 -16.54 -0.47
N TYR A 149 12.18 -17.53 -1.35
CA TYR A 149 11.09 -18.49 -1.17
C TYR A 149 11.72 -19.84 -0.78
N ALA A 150 11.53 -20.25 0.48
CA ALA A 150 12.03 -21.53 0.95
C ALA A 150 11.06 -22.21 1.91
N ASN A 151 10.86 -23.51 1.72
CA ASN A 151 9.98 -24.33 2.56
C ASN A 151 8.61 -23.72 2.70
N GLY A 152 8.09 -23.13 1.62
CA GLY A 152 6.75 -22.54 1.62
C GLY A 152 6.67 -21.17 2.25
N SER A 153 7.82 -20.63 2.65
CA SER A 153 7.86 -19.33 3.29
C SER A 153 8.53 -18.28 2.39
N LEU A 154 7.87 -17.14 2.25
CA LEU A 154 8.48 -16.01 1.56
C LEU A 154 9.16 -15.09 2.56
N THR A 155 10.44 -14.80 2.34
CA THR A 155 11.15 -13.82 3.16
C THR A 155 11.69 -12.66 2.35
N ASN A 156 11.49 -11.45 2.85
CA ASN A 156 11.96 -10.25 2.16
C ASN A 156 13.37 -9.95 2.64
N THR A 157 14.33 -10.11 1.75
CA THR A 157 15.73 -9.97 2.11
C THR A 157 16.35 -8.73 1.48
N GLY A 158 15.53 -7.74 1.18
CA GLY A 158 15.99 -6.47 0.62
C GLY A 158 15.59 -5.34 1.54
N ASN A 159 15.49 -4.13 0.97
CA ASN A 159 15.21 -2.94 1.77
C ASN A 159 13.90 -2.23 1.46
N ALA A 160 13.10 -2.84 0.59
CA ALA A 160 11.83 -2.27 0.17
C ALA A 160 10.72 -3.33 0.29
N THR A 161 9.55 -2.89 0.74
CA THR A 161 8.39 -3.74 0.93
C THR A 161 8.01 -4.38 -0.40
N LEU A 162 7.60 -5.64 -0.33
CA LEU A 162 7.15 -6.41 -1.49
C LEU A 162 5.65 -6.64 -1.35
N ARG A 163 4.95 -6.71 -2.47
CA ARG A 163 3.54 -7.07 -2.45
C ARG A 163 3.47 -8.50 -2.94
N ILE A 164 3.09 -9.39 -2.03
CA ILE A 164 3.14 -10.83 -2.30
C ILE A 164 1.74 -11.38 -2.47
N LEU A 165 1.61 -12.43 -3.27
CA LEU A 165 0.30 -13.00 -3.53
C LEU A 165 0.34 -14.45 -4.02
N ALA A 166 -0.62 -15.24 -3.55
CA ALA A 166 -0.77 -16.61 -3.98
C ALA A 166 -2.20 -16.83 -4.46
N TYR A 167 -2.35 -17.73 -5.41
CA TYR A 167 -3.64 -18.09 -5.94
C TYR A 167 -3.66 -19.56 -6.39
N GLY A 168 -4.81 -20.21 -6.30
CA GLY A 168 -4.92 -21.62 -6.68
C GLY A 168 -5.99 -22.31 -5.86
N PRO A 169 -5.80 -23.62 -5.58
CA PRO A 169 -6.77 -24.34 -4.75
C PRO A 169 -6.74 -23.89 -3.30
N CYS A 170 -7.83 -24.14 -2.61
CA CYS A 170 -7.95 -23.82 -1.19
C CYS A 170 -7.37 -24.96 -0.37
N LEU A 171 -6.75 -24.63 0.75
CA LEU A 171 -6.36 -25.64 1.72
C LEU A 171 -7.51 -26.32 2.45
N LYS A 172 -8.43 -25.53 3.01
CA LYS A 172 -9.63 -26.06 3.64
C LYS A 172 -10.67 -25.90 2.56
N ALA A 173 -11.18 -27.01 2.02
CA ALA A 173 -12.25 -26.98 1.01
C ALA A 173 -13.53 -26.30 1.51
N ALA A 174 -13.64 -26.09 2.83
CA ALA A 174 -14.63 -25.20 3.43
C ALA A 174 -14.58 -23.77 2.84
N ASN A 175 -13.40 -23.33 2.42
CA ASN A 175 -13.21 -22.00 1.83
C ASN A 175 -13.60 -21.86 0.35
N GLY A 176 -13.87 -22.99 -0.30
CA GLY A 176 -14.45 -22.98 -1.64
C GLY A 176 -13.55 -23.52 -2.74
N LYS A 177 -13.88 -23.13 -3.97
CA LYS A 177 -13.32 -23.70 -5.20
C LYS A 177 -12.04 -23.00 -5.66
N GLU A 178 -11.85 -21.74 -5.28
CA GLU A 178 -10.65 -20.99 -5.64
C GLU A 178 -10.24 -20.11 -4.48
N CYS A 179 -8.93 -20.04 -4.26
CA CYS A 179 -8.33 -19.26 -3.20
C CYS A 179 -7.17 -18.37 -3.67
N LYS A 180 -7.13 -17.17 -3.10
CA LYS A 180 -6.09 -16.18 -3.26
C LYS A 180 -5.77 -15.52 -1.90
N GLU A 181 -4.55 -15.05 -1.76
CA GLU A 181 -4.06 -14.28 -0.63
C GLU A 181 -3.24 -13.12 -1.16
N ASN A 182 -3.25 -12.01 -0.42
CA ASN A 182 -2.50 -10.80 -0.76
C ASN A 182 -1.94 -10.19 0.50
N TYR A 183 -0.65 -9.92 0.52
CA TYR A 183 -0.05 -9.26 1.68
C TYR A 183 1.08 -8.34 1.29
N TYR A 184 1.41 -7.44 2.21
CA TYR A 184 2.61 -6.65 2.13
C TYR A 184 3.62 -7.30 3.05
N LEU A 185 4.83 -7.47 2.53
CA LEU A 185 5.90 -8.11 3.26
C LEU A 185 7.00 -7.09 3.43
N MET A 186 7.18 -6.64 4.67
CA MET A 186 8.19 -5.63 4.97
C MET A 186 9.60 -6.23 4.97
N PRO A 187 10.62 -5.38 4.77
CA PRO A 187 12.00 -5.83 4.83
C PRO A 187 12.31 -6.67 6.07
N GLY A 188 12.86 -7.86 5.85
CA GLY A 188 13.26 -8.75 6.95
C GLY A 188 12.19 -9.70 7.49
N LYS A 189 10.93 -9.50 7.06
CA LYS A 189 9.81 -10.32 7.52
C LYS A 189 9.57 -11.51 6.62
N SER A 190 8.94 -12.53 7.19
CA SER A 190 8.58 -13.73 6.46
C SER A 190 7.06 -13.91 6.46
N ARG A 191 6.58 -14.72 5.52
CA ARG A 191 5.16 -15.02 5.44
C ARG A 191 4.94 -16.40 4.79
N ARG A 192 4.17 -17.24 5.47
CA ARG A 192 3.59 -18.43 4.89
C ARG A 192 2.16 -18.10 4.46
N PHE A 193 1.73 -18.71 3.37
CA PHE A 193 0.34 -18.60 2.92
C PHE A 193 -0.50 -19.64 3.65
N THR A 194 -1.69 -19.23 4.11
CA THR A 194 -2.55 -20.05 4.97
C THR A 194 -3.93 -20.41 4.37
N ARG A 195 -4.28 -19.88 3.20
CA ARG A 195 -5.55 -20.22 2.53
C ARG A 195 -5.32 -21.00 1.26
N VAL A 196 -4.39 -20.52 0.43
CA VAL A 196 -4.05 -21.18 -0.81
C VAL A 196 -3.16 -22.36 -0.49
N ASP A 197 -3.37 -23.46 -1.21
CA ASP A 197 -2.56 -24.64 -1.05
C ASP A 197 -1.35 -24.52 -1.96
N THR A 198 -0.29 -23.92 -1.42
CA THR A 198 0.95 -23.74 -2.17
C THR A 198 1.80 -25.01 -2.32
N ALA A 199 1.48 -26.05 -1.54
CA ALA A 199 2.13 -27.34 -1.69
C ALA A 199 1.57 -28.15 -2.86
N ASP A 200 0.39 -27.79 -3.33
CA ASP A 200 -0.23 -28.42 -4.52
C ASP A 200 0.46 -27.78 -5.70
N ASN A 201 0.72 -28.54 -6.77
CA ASN A 201 1.40 -27.96 -7.94
C ASN A 201 0.53 -26.96 -8.74
N LYS A 202 -0.76 -26.85 -8.42
CA LYS A 202 -1.63 -25.84 -9.02
C LYS A 202 -1.67 -24.53 -8.20
N GLY A 203 -0.97 -24.52 -7.06
CA GLY A 203 -0.92 -23.33 -6.21
C GLY A 203 0.24 -22.46 -6.64
N ARG A 204 -0.01 -21.17 -6.83
CA ARG A 204 1.02 -20.28 -7.35
C ARG A 204 1.37 -19.14 -6.40
N VAL A 205 2.63 -18.72 -6.45
CA VAL A 205 3.12 -17.60 -5.68
C VAL A 205 3.75 -16.62 -6.66
N ALA A 206 3.54 -15.34 -6.40
CA ALA A 206 4.22 -14.30 -7.15
C ALA A 206 4.33 -13.06 -6.28
N LEU A 207 5.08 -12.08 -6.76
CA LEU A 207 5.20 -10.83 -6.03
C LEU A 207 5.58 -9.67 -6.93
N TRP A 208 5.43 -8.47 -6.38
CA TRP A 208 5.79 -7.23 -7.07
C TRP A 208 6.99 -6.63 -6.40
N GLN A 209 8.01 -6.32 -7.18
CA GLN A 209 9.13 -5.51 -6.75
C GLN A 209 8.91 -4.17 -7.39
N GLY A 210 8.37 -3.22 -6.62
CA GLY A 210 7.95 -1.94 -7.17
C GLY A 210 7.00 -2.20 -8.32
N ASP A 211 7.41 -1.86 -9.52
CA ASP A 211 6.56 -1.98 -10.70
C ASP A 211 6.78 -3.23 -11.53
N LYS A 212 7.64 -4.12 -11.07
CA LYS A 212 7.93 -5.35 -11.80
C LYS A 212 7.24 -6.54 -11.15
N PHE A 213 6.50 -7.28 -11.96
CA PHE A 213 5.77 -8.45 -11.47
C PHE A 213 6.65 -9.66 -11.62
N ILE A 214 6.89 -10.38 -10.53
CA ILE A 214 7.78 -11.53 -10.58
C ILE A 214 7.10 -12.85 -10.27
N PRO A 215 7.00 -13.76 -11.23
CA PRO A 215 6.41 -15.06 -10.92
C PRO A 215 7.31 -15.91 -10.02
N VAL A 216 7.02 -15.96 -8.72
CA VAL A 216 7.79 -16.78 -7.79
C VAL A 216 7.69 -18.29 -7.95
N LYS A 217 6.50 -18.81 -8.16
CA LYS A 217 6.32 -20.26 -8.24
C LYS A 217 4.93 -20.67 -8.73
#